data_3GJA
#
_entry.id   3GJA
#
_cell.length_a   90.024
_cell.length_b   90.024
_cell.length_c   249.187
_cell.angle_alpha   90.00
_cell.angle_beta   90.00
_cell.angle_gamma   90.00
#
_symmetry.space_group_name_H-M   'P 43 21 2'
#
loop_
_entity.id
_entity.type
_entity.pdbx_description
1 polymer CytC3
2 non-polymer 'ACETATE ION'
3 water water
#
_entity_poly.entity_id   1
_entity_poly.type   'polypeptide(L)'
_entity_poly.pdbx_seq_one_letter_code
;MTTVSEQANFTFSPEEVARFERDGYIGPVKIFEPEEMTRRWNIIRRQLLDRSLAIYPDSNGKANISNYDRHLDIDLLAEH
IMRPEIVDRVGSLIGRNLLCWRSEFFPKYQGDEGTDWHQAATFAHATGKPQIIWPSDEGRPAFIGTITVWTAFTHSTEQN
GCLQLMPGTHTSMNYDESKGMDYDADAINQREKDGIKRGFFGYDYRSLQKDPDWKPDESQAYPMVLKPGEAVIFWSNTMH
ASLPHTGSKTDYRMGFAARYVPTQVQVYPGTENLTEYGDGINLEKYGAVLTSGVDEYGHNRIARTSQRGYEFVPRQIPS
;
_entity_poly.pdbx_strand_id   A,B
#
# COMPACT_ATOMS: atom_id res chain seq x y z
N ALA A 8 38.93 -1.91 3.80
CA ALA A 8 37.60 -2.44 4.21
C ALA A 8 36.63 -2.42 3.03
N ASN A 9 35.82 -3.47 2.94
CA ASN A 9 34.86 -3.61 1.87
C ASN A 9 33.57 -4.19 2.46
N PHE A 10 32.42 -3.75 1.97
CA PHE A 10 31.15 -4.26 2.48
C PHE A 10 30.24 -4.83 1.40
N THR A 11 30.84 -5.22 0.28
CA THR A 11 30.12 -5.80 -0.83
C THR A 11 29.45 -7.09 -0.38
N PHE A 12 28.26 -7.36 -0.91
CA PHE A 12 27.56 -8.59 -0.53
C PHE A 12 28.22 -9.79 -1.22
N SER A 13 28.09 -10.95 -0.58
CA SER A 13 28.64 -12.17 -1.14
C SER A 13 27.68 -12.60 -2.24
N PRO A 14 28.10 -13.52 -3.12
CA PRO A 14 27.20 -13.96 -4.19
C PRO A 14 25.92 -14.59 -3.63
N GLU A 15 26.04 -15.24 -2.48
CA GLU A 15 24.90 -15.88 -1.84
C GLU A 15 23.90 -14.85 -1.33
N GLU A 16 24.41 -13.84 -0.63
CA GLU A 16 23.57 -12.79 -0.08
C GLU A 16 22.81 -12.07 -1.19
N VAL A 17 23.50 -11.83 -2.31
CA VAL A 17 22.86 -11.17 -3.45
C VAL A 17 21.73 -12.05 -3.96
N ALA A 18 21.96 -13.36 -4.00
CA ALA A 18 20.96 -14.31 -4.47
C ALA A 18 19.75 -14.28 -3.56
N ARG A 19 20.01 -14.24 -2.26
CA ARG A 19 18.97 -14.19 -1.25
C ARG A 19 18.10 -12.95 -1.47
N PHE A 20 18.75 -11.81 -1.70
CA PHE A 20 18.04 -10.57 -1.93
C PHE A 20 17.20 -10.67 -3.20
N GLU A 21 17.75 -11.33 -4.22
CA GLU A 21 17.03 -11.49 -5.47
C GLU A 21 15.75 -12.28 -5.32
N ARG A 22 15.73 -13.25 -4.42
CA ARG A 22 14.51 -14.02 -4.26
C ARG A 22 13.53 -13.44 -3.25
N ASP A 23 14.03 -12.66 -2.29
CA ASP A 23 13.17 -12.06 -1.26
C ASP A 23 12.77 -10.61 -1.49
N GLY A 24 13.59 -9.86 -2.19
CA GLY A 24 13.28 -8.46 -2.42
C GLY A 24 13.79 -7.61 -1.27
N TYR A 25 14.44 -8.25 -0.30
CA TYR A 25 14.99 -7.55 0.85
C TYR A 25 16.09 -8.39 1.47
N ILE A 26 16.79 -7.80 2.42
CA ILE A 26 17.85 -8.50 3.13
C ILE A 26 18.16 -7.70 4.36
N GLY A 27 18.28 -8.40 5.49
CA GLY A 27 18.57 -7.74 6.73
C GLY A 27 18.32 -8.73 7.85
N PRO A 28 18.76 -8.40 9.07
CA PRO A 28 19.48 -7.16 9.36
C PRO A 28 20.95 -7.11 8.91
N VAL A 29 21.42 -5.89 8.63
CA VAL A 29 22.82 -5.68 8.24
C VAL A 29 23.28 -4.53 9.14
N LYS A 30 24.46 -4.69 9.72
CA LYS A 30 24.99 -3.69 10.63
C LYS A 30 25.63 -2.50 9.94
N ILE A 31 25.13 -1.31 10.28
CA ILE A 31 25.67 -0.07 9.72
C ILE A 31 26.57 0.54 10.79
N PHE A 32 26.08 0.52 12.03
CA PHE A 32 26.80 1.06 13.19
C PHE A 32 26.54 0.17 14.40
N GLU A 33 27.42 0.24 15.39
CA GLU A 33 27.22 -0.50 16.63
C GLU A 33 26.11 0.26 17.35
N PRO A 34 25.28 -0.45 18.14
CA PRO A 34 24.17 0.16 18.88
C PRO A 34 24.46 1.48 19.61
N GLU A 35 25.53 1.51 20.42
CA GLU A 35 25.85 2.72 21.18
C GLU A 35 26.27 3.86 20.28
N GLU A 36 26.91 3.53 19.17
CA GLU A 36 27.37 4.52 18.20
C GLU A 36 26.16 5.14 17.49
N MET A 37 25.23 4.30 17.05
CA MET A 37 24.05 4.82 16.36
C MET A 37 23.28 5.73 17.31
N THR A 38 23.16 5.29 18.56
CA THR A 38 22.43 6.05 19.57
C THR A 38 23.09 7.41 19.77
N ARG A 39 24.42 7.41 19.85
CA ARG A 39 25.17 8.63 20.05
C ARG A 39 24.84 9.63 18.92
N ARG A 40 24.83 9.13 17.68
CA ARG A 40 24.53 9.96 16.51
C ARG A 40 23.10 10.49 16.52
N TRP A 41 22.16 9.58 16.77
CA TRP A 41 20.75 9.94 16.82
C TRP A 41 20.49 10.98 17.89
N ASN A 42 21.25 10.90 19.00
CA ASN A 42 21.07 11.86 20.08
C ASN A 42 21.37 13.25 19.55
N ILE A 43 22.36 13.35 18.68
CA ILE A 43 22.73 14.64 18.12
C ILE A 43 21.73 15.03 17.02
N ILE A 44 21.55 14.14 16.06
CA ILE A 44 20.65 14.36 14.93
C ILE A 44 19.25 14.83 15.32
N ARG A 45 18.70 14.21 16.36
CA ARG A 45 17.36 14.55 16.83
C ARG A 45 17.25 16.04 17.14
N ARG A 46 18.26 16.60 17.82
CA ARG A 46 18.24 18.01 18.13
C ARG A 46 18.45 18.84 16.87
N GLN A 47 19.37 18.40 16.02
CA GLN A 47 19.68 19.13 14.80
C GLN A 47 18.52 19.21 13.81
N LEU A 48 17.61 18.24 13.87
CA LEU A 48 16.45 18.29 12.97
C LEU A 48 15.64 19.53 13.28
N LEU A 49 15.63 19.94 14.55
CA LEU A 49 14.87 21.09 15.01
C LEU A 49 15.24 22.38 14.29
N ASP A 50 16.53 22.52 13.97
CA ASP A 50 17.02 23.70 13.27
C ASP A 50 16.96 23.51 11.76
N ARG A 51 16.04 24.23 11.12
CA ARG A 51 15.86 24.12 9.68
C ARG A 51 16.45 25.30 8.92
N SER A 52 17.27 26.10 9.62
CA SER A 52 17.88 27.28 9.00
C SER A 52 18.51 26.99 7.65
N LEU A 53 19.01 25.78 7.46
CA LEU A 53 19.66 25.44 6.20
C LEU A 53 19.01 24.27 5.46
N ALA A 54 17.78 23.93 5.83
CA ALA A 54 17.09 22.82 5.17
C ALA A 54 16.71 23.27 3.77
N ILE A 55 16.77 22.37 2.81
CA ILE A 55 16.45 22.76 1.43
C ILE A 55 14.96 22.99 1.17
N TYR A 56 14.09 22.44 2.01
CA TYR A 56 12.66 22.66 1.81
C TYR A 56 12.12 23.68 2.80
N PRO A 57 11.39 24.68 2.30
CA PRO A 57 10.80 25.74 3.13
C PRO A 57 9.70 25.23 4.04
N ASP A 58 9.37 26.02 5.05
CA ASP A 58 8.32 25.66 5.99
C ASP A 58 7.02 25.42 5.25
N SER A 59 6.28 24.41 5.68
CA SER A 59 5.00 24.07 5.08
C SER A 59 4.38 22.93 5.87
N ASN A 60 3.22 22.46 5.45
CA ASN A 60 2.55 21.36 6.13
C ASN A 60 2.62 20.10 5.29
N GLY A 61 3.45 20.14 4.25
CA GLY A 61 3.60 18.98 3.37
C GLY A 61 4.44 17.88 3.95
N LYS A 62 4.35 16.69 3.37
CA LYS A 62 5.11 15.53 3.85
C LYS A 62 6.60 15.81 3.96
N ALA A 63 7.15 16.43 2.92
CA ALA A 63 8.58 16.75 2.85
C ALA A 63 9.09 17.43 4.11
N ASN A 64 8.26 18.29 4.69
CA ASN A 64 8.62 19.03 5.89
C ASN A 64 8.33 18.22 7.16
N ILE A 65 7.08 17.77 7.27
CA ILE A 65 6.64 17.01 8.44
C ILE A 65 7.41 15.71 8.66
N SER A 66 7.80 15.03 7.57
CA SER A 66 8.55 13.78 7.71
C SER A 66 10.04 14.01 7.47
N ASN A 67 10.44 15.27 7.49
CA ASN A 67 11.83 15.66 7.30
C ASN A 67 12.58 14.98 6.15
N TYR A 68 12.11 15.22 4.94
CA TYR A 68 12.72 14.68 3.73
C TYR A 68 14.07 15.35 3.44
N ASP A 69 14.99 14.55 2.92
CA ASP A 69 16.30 15.00 2.50
C ASP A 69 17.15 15.89 3.41
N ARG A 70 17.24 15.52 4.68
CA ARG A 70 18.05 16.29 5.61
C ARG A 70 19.52 15.93 5.50
N HIS A 71 19.82 14.93 4.67
CA HIS A 71 21.20 14.54 4.46
C HIS A 71 21.87 15.65 3.64
N LEU A 72 21.07 16.63 3.21
CA LEU A 72 21.60 17.74 2.43
C LEU A 72 21.94 18.94 3.31
N ASP A 73 21.69 18.86 4.61
CA ASP A 73 22.05 19.98 5.48
C ASP A 73 22.61 19.55 6.84
N ILE A 74 22.37 18.30 7.23
CA ILE A 74 22.88 17.80 8.51
C ILE A 74 24.05 16.86 8.25
N ASP A 75 25.23 17.25 8.72
CA ASP A 75 26.45 16.48 8.52
C ASP A 75 26.37 15.00 8.82
N LEU A 76 25.87 14.65 10.00
CA LEU A 76 25.76 13.25 10.39
C LEU A 76 24.85 12.44 9.45
N LEU A 77 23.90 13.13 8.81
CA LEU A 77 23.00 12.48 7.88
C LEU A 77 23.68 12.43 6.51
N ALA A 78 24.48 13.45 6.21
CA ALA A 78 25.21 13.49 4.95
C ALA A 78 26.16 12.30 4.94
N GLU A 79 26.80 12.06 6.09
CA GLU A 79 27.73 10.95 6.22
C GLU A 79 27.00 9.60 6.18
N HIS A 80 25.83 9.54 6.83
CA HIS A 80 25.07 8.31 6.87
C HIS A 80 24.79 7.75 5.48
N ILE A 81 24.29 8.58 4.57
CA ILE A 81 23.98 8.09 3.22
C ILE A 81 25.22 7.73 2.40
N MET A 82 26.39 8.21 2.83
CA MET A 82 27.66 7.95 2.15
C MET A 82 28.37 6.71 2.71
N ARG A 83 27.91 6.21 3.85
CA ARG A 83 28.52 5.07 4.51
C ARG A 83 28.83 3.84 3.66
N PRO A 84 30.09 3.37 3.70
CA PRO A 84 30.52 2.20 2.94
C PRO A 84 29.64 1.00 3.30
N GLU A 85 29.30 0.90 4.58
CA GLU A 85 28.46 -0.18 5.07
C GLU A 85 27.11 -0.20 4.35
N ILE A 86 26.71 0.95 3.83
CA ILE A 86 25.46 1.02 3.08
C ILE A 86 25.74 0.96 1.59
N VAL A 87 26.56 1.89 1.10
CA VAL A 87 26.91 1.99 -0.31
C VAL A 87 27.51 0.74 -0.93
N ASP A 88 28.46 0.10 -0.25
CA ASP A 88 29.03 -1.12 -0.83
C ASP A 88 27.97 -2.20 -0.99
N ARG A 89 27.04 -2.27 -0.05
CA ARG A 89 25.99 -3.28 -0.12
C ARG A 89 24.96 -2.96 -1.20
N VAL A 90 24.53 -1.71 -1.28
CA VAL A 90 23.56 -1.35 -2.30
C VAL A 90 24.21 -1.54 -3.67
N GLY A 91 25.47 -1.13 -3.76
CA GLY A 91 26.22 -1.25 -5.00
C GLY A 91 26.31 -2.67 -5.51
N SER A 92 26.36 -3.64 -4.61
CA SER A 92 26.43 -5.05 -5.00
C SER A 92 25.10 -5.46 -5.64
N LEU A 93 24.06 -4.67 -5.41
CA LEU A 93 22.74 -4.99 -5.94
C LEU A 93 22.36 -4.29 -7.22
N ILE A 94 22.59 -2.98 -7.29
CA ILE A 94 22.22 -2.24 -8.48
C ILE A 94 23.34 -1.46 -9.16
N GLY A 95 24.60 -1.74 -8.78
CA GLY A 95 25.71 -1.06 -9.41
C GLY A 95 26.47 -0.05 -8.57
N ARG A 96 27.76 0.11 -8.87
CA ARG A 96 28.60 1.05 -8.12
C ARG A 96 28.44 2.52 -8.48
N ASN A 97 27.75 2.82 -9.57
CA ASN A 97 27.51 4.21 -9.92
C ASN A 97 26.19 4.54 -9.25
N LEU A 98 26.25 4.79 -7.94
CA LEU A 98 25.08 5.05 -7.10
C LEU A 98 24.67 6.47 -6.79
N LEU A 99 23.36 6.69 -6.86
CA LEU A 99 22.74 7.97 -6.57
C LEU A 99 21.77 7.84 -5.38
N CYS A 100 21.90 8.71 -4.39
CA CYS A 100 20.98 8.72 -3.25
C CYS A 100 20.08 9.89 -3.59
N TRP A 101 18.85 9.62 -4.00
CA TRP A 101 17.96 10.69 -4.39
C TRP A 101 16.98 11.15 -3.32
N ARG A 102 16.97 10.46 -2.19
CA ARG A 102 16.09 10.83 -1.09
C ARG A 102 16.34 10.11 0.23
N SER A 103 15.95 10.77 1.31
CA SER A 103 16.03 10.23 2.65
C SER A 103 14.83 10.83 3.41
N GLU A 104 14.35 10.09 4.41
CA GLU A 104 13.21 10.55 5.19
C GLU A 104 13.14 9.76 6.48
N PHE A 105 12.36 10.25 7.43
CA PHE A 105 12.22 9.58 8.71
C PHE A 105 10.88 8.85 8.81
N PHE A 106 10.90 7.75 9.56
CA PHE A 106 9.70 6.97 9.77
C PHE A 106 9.50 6.74 11.26
N PRO A 107 8.81 7.68 11.92
CA PRO A 107 8.57 7.53 13.35
C PRO A 107 7.35 6.65 13.59
N LYS A 108 7.26 6.07 14.78
CA LYS A 108 6.10 5.26 15.12
C LYS A 108 5.91 5.42 16.62
N TYR A 109 4.71 5.79 17.00
CA TYR A 109 4.40 6.04 18.41
C TYR A 109 3.28 5.16 18.89
N GLN A 110 3.17 5.04 20.21
CA GLN A 110 2.14 4.24 20.85
C GLN A 110 0.77 4.61 20.29
N GLY A 111 -0.01 3.61 19.92
CA GLY A 111 -1.32 3.86 19.36
C GLY A 111 -1.37 3.73 17.85
N ASP A 112 -0.25 3.94 17.19
CA ASP A 112 -0.21 3.82 15.74
C ASP A 112 -0.61 2.41 15.36
N GLU A 113 -1.46 2.29 14.36
CA GLU A 113 -1.92 0.99 13.91
C GLU A 113 -0.90 0.45 12.92
N GLY A 114 -0.98 -0.84 12.62
CA GLY A 114 -0.04 -1.41 11.68
C GLY A 114 -0.53 -1.12 10.28
N THR A 115 -0.05 -1.90 9.33
CA THR A 115 -0.46 -1.77 7.95
C THR A 115 -0.60 -3.19 7.42
N ASP A 116 -1.54 -3.38 6.50
CA ASP A 116 -1.74 -4.71 5.92
C ASP A 116 -0.73 -4.86 4.80
N TRP A 117 -0.58 -6.09 4.30
CA TRP A 117 0.37 -6.39 3.22
C TRP A 117 0.11 -5.55 1.97
N HIS A 118 1.15 -4.88 1.47
CA HIS A 118 1.02 -4.04 0.29
C HIS A 118 2.36 -3.72 -0.36
N GLN A 119 2.30 -3.10 -1.53
CA GLN A 119 3.49 -2.70 -2.26
C GLN A 119 3.46 -1.19 -2.47
N ALA A 120 4.39 -0.49 -1.84
CA ALA A 120 4.45 0.96 -1.96
C ALA A 120 4.96 1.34 -3.35
N ALA A 121 4.58 2.54 -3.81
CA ALA A 121 5.00 3.02 -5.13
C ALA A 121 5.85 4.27 -4.97
N THR A 122 6.52 4.70 -6.04
CA THR A 122 7.36 5.89 -5.96
C THR A 122 6.73 7.13 -6.59
N PHE A 123 5.41 7.10 -6.77
CA PHE A 123 4.71 8.24 -7.34
C PHE A 123 4.56 9.29 -6.26
N ALA A 124 4.48 10.55 -6.66
CA ALA A 124 4.28 11.66 -5.73
C ALA A 124 2.80 11.66 -5.36
N HIS A 125 2.51 11.71 -4.07
CA HIS A 125 1.12 11.70 -3.63
C HIS A 125 0.28 12.86 -4.16
N ALA A 126 0.79 14.08 -4.03
CA ALA A 126 0.06 15.27 -4.48
C ALA A 126 -0.34 15.32 -5.95
N THR A 127 0.49 14.78 -6.82
CA THR A 127 0.22 14.84 -8.25
C THR A 127 0.16 13.50 -8.97
N GLY A 128 0.65 12.45 -8.33
CA GLY A 128 0.62 11.14 -8.96
C GLY A 128 1.74 10.97 -9.97
N LYS A 129 2.62 11.97 -10.06
CA LYS A 129 3.74 11.91 -11.00
C LYS A 129 4.81 10.92 -10.54
N PRO A 130 5.45 10.22 -11.48
CA PRO A 130 6.48 9.26 -11.09
C PRO A 130 7.73 10.06 -10.72
N GLN A 131 8.26 9.82 -9.53
CA GLN A 131 9.44 10.55 -9.08
C GLN A 131 10.70 9.83 -9.54
N ILE A 132 10.52 8.58 -9.97
CA ILE A 132 11.62 7.74 -10.41
C ILE A 132 11.29 7.06 -11.74
N ILE A 133 12.22 7.16 -12.71
CA ILE A 133 12.02 6.54 -14.02
C ILE A 133 13.29 5.85 -14.51
N TRP A 134 13.22 4.53 -14.67
CA TRP A 134 14.35 3.76 -15.18
C TRP A 134 14.23 3.70 -16.71
N PRO A 135 15.35 3.53 -17.41
CA PRO A 135 15.29 3.45 -18.87
C PRO A 135 14.60 2.16 -19.29
N SER A 136 13.93 2.19 -20.44
CA SER A 136 13.22 1.01 -20.93
C SER A 136 13.19 0.92 -22.44
N ASP A 137 12.95 -0.27 -22.96
CA ASP A 137 12.88 -0.49 -24.40
C ASP A 137 11.60 0.13 -24.95
N GLU A 138 11.47 0.11 -26.27
CA GLU A 138 10.29 0.68 -26.91
C GLU A 138 9.05 -0.12 -26.52
N GLY A 139 7.96 0.60 -26.23
CA GLY A 139 6.73 -0.06 -25.83
C GLY A 139 6.74 -0.44 -24.37
N ARG A 140 7.67 -1.30 -24.00
CA ARG A 140 7.80 -1.76 -22.62
C ARG A 140 7.73 -0.63 -21.60
N PRO A 141 6.99 -0.83 -20.50
CA PRO A 141 6.85 0.19 -19.45
C PRO A 141 8.17 0.33 -18.69
N ALA A 142 8.34 1.44 -18.00
CA ALA A 142 9.56 1.69 -17.26
C ALA A 142 9.48 1.28 -15.79
N PHE A 143 10.53 0.62 -15.30
CA PHE A 143 10.61 0.19 -13.91
C PHE A 143 10.70 1.46 -13.08
N ILE A 144 10.17 1.44 -11.87
CA ILE A 144 10.19 2.64 -11.02
C ILE A 144 10.61 2.39 -9.58
N GLY A 145 11.28 1.26 -9.33
CA GLY A 145 11.69 0.94 -7.98
C GLY A 145 12.97 1.65 -7.53
N THR A 146 13.20 1.63 -6.22
CA THR A 146 14.38 2.27 -5.66
C THR A 146 14.83 1.47 -4.43
N ILE A 147 16.12 1.14 -4.38
CA ILE A 147 16.66 0.40 -3.26
C ILE A 147 16.58 1.29 -2.03
N THR A 148 15.88 0.80 -1.02
CA THR A 148 15.68 1.54 0.22
C THR A 148 16.50 0.92 1.34
N VAL A 149 17.26 1.74 2.04
CA VAL A 149 18.07 1.29 3.17
C VAL A 149 17.44 1.92 4.41
N TRP A 150 16.75 1.10 5.19
CA TRP A 150 16.03 1.53 6.40
C TRP A 150 16.88 1.26 7.65
N THR A 151 17.50 2.30 8.19
CA THR A 151 18.32 2.16 9.39
C THR A 151 17.51 2.46 10.65
N ALA A 152 17.63 1.60 11.65
CA ALA A 152 16.91 1.79 12.90
C ALA A 152 17.75 2.73 13.78
N PHE A 153 17.23 3.91 14.08
CA PHE A 153 17.95 4.87 14.91
C PHE A 153 17.60 4.58 16.36
N THR A 154 16.45 3.95 16.52
CA THR A 154 15.92 3.55 17.82
C THR A 154 15.71 2.05 17.60
N HIS A 155 15.45 1.27 18.64
CA HIS A 155 15.25 -0.15 18.37
C HIS A 155 13.90 -0.31 17.67
N SER A 156 13.82 -1.27 16.76
CA SER A 156 12.57 -1.53 16.07
C SER A 156 12.16 -2.93 16.48
N THR A 157 11.13 -3.01 17.31
CA THR A 157 10.65 -4.28 17.84
C THR A 157 9.22 -4.57 17.41
N GLU A 158 8.74 -5.75 17.79
CA GLU A 158 7.37 -6.13 17.47
C GLU A 158 6.45 -5.25 18.29
N GLN A 159 6.84 -5.00 19.54
CA GLN A 159 6.03 -4.15 20.41
C GLN A 159 5.96 -2.73 19.88
N ASN A 160 7.05 -2.30 19.22
CA ASN A 160 7.22 -0.96 18.62
C ASN A 160 6.51 -0.76 17.28
N GLY A 161 6.02 -1.84 16.70
CA GLY A 161 5.37 -1.75 15.41
C GLY A 161 6.36 -1.91 14.26
N CYS A 162 7.28 -2.86 14.40
CA CYS A 162 8.30 -3.10 13.36
C CYS A 162 7.72 -3.55 12.04
N LEU A 163 8.52 -3.39 10.98
CA LEU A 163 8.12 -3.78 9.64
C LEU A 163 7.99 -5.30 9.54
N GLN A 164 7.26 -5.74 8.52
CA GLN A 164 7.05 -7.16 8.27
C GLN A 164 7.30 -7.43 6.79
N LEU A 165 8.13 -8.43 6.51
CA LEU A 165 8.46 -8.82 5.14
C LEU A 165 8.19 -10.31 4.98
N MET A 166 7.96 -10.77 3.76
CA MET A 166 7.75 -12.20 3.55
C MET A 166 8.70 -12.72 2.49
N PRO A 167 9.26 -13.92 2.71
CA PRO A 167 10.20 -14.56 1.78
C PRO A 167 9.55 -14.74 0.41
N GLY A 168 10.31 -15.32 -0.53
CA GLY A 168 9.76 -15.53 -1.86
C GLY A 168 9.58 -14.19 -2.55
N THR A 169 9.41 -14.22 -3.87
CA THR A 169 9.24 -12.98 -4.63
C THR A 169 7.83 -12.43 -4.49
N MET A 173 0.16 -8.98 -6.83
CA MET A 173 -0.51 -9.53 -8.05
C MET A 173 -0.34 -11.04 -8.14
N ASN A 174 0.85 -11.53 -7.83
CA ASN A 174 1.12 -12.96 -7.91
C ASN A 174 1.75 -13.59 -6.67
N TYR A 175 1.57 -14.90 -6.56
CA TYR A 175 2.10 -15.71 -5.47
C TYR A 175 2.91 -16.76 -6.21
N ASP A 176 3.61 -17.64 -5.50
CA ASP A 176 4.41 -18.64 -6.19
C ASP A 176 4.68 -19.93 -5.45
N GLU A 177 4.56 -21.04 -6.19
CA GLU A 177 4.79 -22.40 -5.70
C GLU A 177 4.87 -22.51 -4.18
N SER A 178 3.81 -23.01 -3.57
CA SER A 178 3.78 -23.15 -2.10
C SER A 178 3.44 -24.59 -1.80
N ALA A 221 3.63 -13.78 10.05
CA ALA A 221 4.28 -12.69 10.85
C ALA A 221 5.49 -12.14 10.10
N TYR A 222 6.64 -12.81 10.26
CA TYR A 222 7.88 -12.41 9.61
C TYR A 222 8.29 -10.98 9.97
N PRO A 223 8.53 -10.70 11.26
CA PRO A 223 8.92 -9.35 11.66
C PRO A 223 10.40 -9.08 11.47
N MET A 224 10.73 -7.88 11.00
CA MET A 224 12.13 -7.50 10.80
C MET A 224 12.56 -6.64 11.99
N VAL A 225 12.91 -7.33 13.08
CA VAL A 225 13.35 -6.69 14.31
C VAL A 225 14.77 -6.14 14.10
N LEU A 226 15.01 -4.92 14.57
CA LEU A 226 16.33 -4.30 14.39
C LEU A 226 16.85 -3.62 15.63
N LYS A 227 18.15 -3.72 15.87
CA LYS A 227 18.74 -3.05 17.01
C LYS A 227 19.19 -1.70 16.48
N PRO A 228 19.46 -0.75 17.38
CA PRO A 228 19.90 0.56 16.87
C PRO A 228 21.17 0.32 16.05
N GLY A 229 21.25 0.92 14.88
CA GLY A 229 22.44 0.74 14.07
C GLY A 229 22.31 -0.32 13.00
N GLU A 230 21.26 -1.13 13.09
CA GLU A 230 21.05 -2.15 12.08
C GLU A 230 20.09 -1.62 11.04
N ALA A 231 20.13 -2.21 9.85
CA ALA A 231 19.26 -1.78 8.79
C ALA A 231 18.72 -2.95 8.00
N VAL A 232 17.65 -2.70 7.27
CA VAL A 232 17.07 -3.69 6.40
C VAL A 232 17.12 -3.02 5.04
N ILE A 233 17.50 -3.77 4.02
CA ILE A 233 17.58 -3.22 2.68
C ILE A 233 16.52 -3.91 1.85
N PHE A 234 15.74 -3.13 1.10
CA PHE A 234 14.69 -3.70 0.28
C PHE A 234 14.28 -2.78 -0.86
N TRP A 235 13.70 -3.39 -1.89
CA TRP A 235 13.19 -2.62 -3.02
C TRP A 235 12.00 -1.89 -2.42
N SER A 236 11.85 -0.61 -2.75
CA SER A 236 10.75 0.20 -2.24
C SER A 236 9.38 -0.44 -2.46
N ASN A 237 9.25 -1.25 -3.50
CA ASN A 237 7.98 -1.88 -3.83
C ASN A 237 7.83 -3.33 -3.36
N THR A 238 8.72 -3.78 -2.49
CA THR A 238 8.65 -5.15 -1.98
C THR A 238 7.42 -5.33 -1.09
N MET A 239 6.77 -6.47 -1.23
CA MET A 239 5.60 -6.79 -0.43
C MET A 239 5.94 -6.67 1.05
N HIS A 240 5.18 -5.86 1.79
CA HIS A 240 5.46 -5.73 3.20
C HIS A 240 4.26 -5.21 3.99
N ALA A 241 4.34 -5.37 5.30
CA ALA A 241 3.31 -4.93 6.22
C ALA A 241 4.01 -4.37 7.45
N SER A 242 3.24 -4.00 8.47
CA SER A 242 3.83 -3.47 9.69
C SER A 242 2.87 -3.72 10.85
N LEU A 243 3.44 -3.98 12.02
CA LEU A 243 2.66 -4.25 13.22
C LEU A 243 2.21 -2.96 13.87
N PRO A 244 1.16 -3.02 14.70
CA PRO A 244 0.70 -1.81 15.39
C PRO A 244 1.68 -1.58 16.53
N HIS A 245 1.68 -0.37 17.10
CA HIS A 245 2.57 -0.06 18.19
C HIS A 245 1.79 -0.29 19.48
N THR A 246 2.13 -1.35 20.20
CA THR A 246 1.45 -1.70 21.45
C THR A 246 2.33 -1.57 22.69
N GLY A 247 3.36 -0.72 22.61
CA GLY A 247 4.27 -0.54 23.74
C GLY A 247 3.97 0.67 24.61
N SER A 248 4.96 1.17 25.32
CA SER A 248 4.74 2.34 26.17
C SER A 248 4.79 3.62 25.35
N LYS A 249 4.19 4.69 25.88
CA LYS A 249 4.15 5.97 25.19
C LYS A 249 5.52 6.64 25.06
N THR A 250 6.48 6.25 25.89
CA THR A 250 7.82 6.83 25.83
C THR A 250 8.71 6.02 24.90
N ASP A 251 8.21 4.87 24.46
CA ASP A 251 8.97 4.00 23.57
C ASP A 251 8.67 4.26 22.10
N TYR A 252 9.28 5.28 21.54
CA TYR A 252 9.03 5.59 20.13
C TYR A 252 10.06 4.88 19.27
N ARG A 253 9.65 4.53 18.07
CA ARG A 253 10.55 3.87 17.14
C ARG A 253 10.90 4.87 16.05
N MET A 254 12.17 4.99 15.74
CA MET A 254 12.59 5.92 14.70
C MET A 254 13.44 5.23 13.65
N GLY A 255 12.96 5.27 12.41
CA GLY A 255 13.70 4.68 11.32
C GLY A 255 14.13 5.78 10.36
N PHE A 256 15.34 5.66 9.82
CA PHE A 256 15.83 6.65 8.88
C PHE A 256 16.06 5.91 7.57
N ALA A 257 15.33 6.29 6.53
CA ALA A 257 15.45 5.62 5.24
C ALA A 257 16.15 6.47 4.19
N ALA A 258 17.09 5.84 3.49
CA ALA A 258 17.85 6.47 2.42
C ALA A 258 17.53 5.65 1.18
N ARG A 259 17.14 6.32 0.09
CA ARG A 259 16.76 5.61 -1.12
C ARG A 259 17.76 5.81 -2.26
N TYR A 260 18.15 4.69 -2.89
CA TYR A 260 19.14 4.72 -3.95
C TYR A 260 18.66 4.25 -5.31
N VAL A 261 19.33 4.75 -6.33
CA VAL A 261 19.01 4.43 -7.70
C VAL A 261 20.29 4.64 -8.53
N PRO A 262 20.55 3.77 -9.53
CA PRO A 262 21.75 3.92 -10.34
C PRO A 262 21.66 5.19 -11.19
N THR A 263 22.82 5.71 -11.61
CA THR A 263 22.91 6.94 -12.40
C THR A 263 22.04 7.02 -13.67
N GLN A 264 21.81 5.88 -14.30
CA GLN A 264 21.01 5.81 -15.51
C GLN A 264 19.55 6.18 -15.24
N VAL A 265 19.18 6.18 -13.97
CA VAL A 265 17.80 6.50 -13.61
C VAL A 265 17.55 8.00 -13.51
N GLN A 266 16.38 8.42 -13.95
CA GLN A 266 16.02 9.83 -13.88
C GLN A 266 15.21 10.13 -12.61
N VAL A 267 15.66 11.14 -11.89
CA VAL A 267 15.03 11.54 -10.65
C VAL A 267 14.21 12.79 -10.91
N TYR A 268 12.96 12.77 -10.45
CA TYR A 268 12.09 13.92 -10.68
C TYR A 268 12.12 14.28 -12.16
N PRO A 269 11.83 13.30 -13.04
CA PRO A 269 11.82 13.51 -14.49
C PRO A 269 10.94 14.69 -14.87
N GLY A 270 11.24 15.30 -16.02
CA GLY A 270 10.50 16.46 -16.43
C GLY A 270 11.05 17.51 -15.48
N THR A 271 10.20 18.15 -14.70
CA THR A 271 10.67 19.13 -13.72
C THR A 271 11.60 20.16 -14.36
N GLU A 272 11.66 20.17 -15.68
CA GLU A 272 12.52 21.08 -16.43
C GLU A 272 12.70 22.43 -15.75
N ASN A 273 11.62 23.20 -15.69
CA ASN A 273 11.67 24.53 -15.07
C ASN A 273 10.75 24.61 -13.87
N LEU A 274 10.76 23.58 -13.04
CA LEU A 274 9.91 23.55 -11.85
C LEU A 274 10.70 23.71 -10.57
N THR A 275 10.00 24.12 -9.51
CA THR A 275 10.60 24.28 -8.20
C THR A 275 9.58 23.69 -7.23
N GLU A 276 8.41 24.32 -7.14
CA GLU A 276 7.34 23.84 -6.28
C GLU A 276 6.80 22.59 -6.93
N TYR A 277 7.16 21.43 -6.37
CA TYR A 277 6.77 20.13 -6.91
C TYR A 277 5.55 19.50 -6.24
N GLY A 278 5.26 19.90 -5.01
CA GLY A 278 4.13 19.33 -4.29
C GLY A 278 4.59 18.57 -3.06
N ASP A 279 3.69 18.42 -2.08
CA ASP A 279 3.99 17.74 -0.82
C ASP A 279 5.11 18.45 -0.08
N GLY A 280 5.26 19.74 -0.35
CA GLY A 280 6.28 20.53 0.30
C GLY A 280 7.64 20.41 -0.34
N ILE A 281 7.73 19.66 -1.44
CA ILE A 281 9.00 19.51 -2.13
C ILE A 281 9.28 20.71 -3.04
N ASN A 282 10.43 21.34 -2.85
CA ASN A 282 10.82 22.45 -3.71
C ASN A 282 12.19 22.09 -4.26
N LEU A 283 12.23 21.77 -5.56
CA LEU A 283 13.45 21.35 -6.24
C LEU A 283 14.57 22.39 -6.38
N GLU A 284 14.28 23.64 -6.06
CA GLU A 284 15.28 24.69 -6.19
C GLU A 284 16.67 24.25 -5.70
N LYS A 285 16.76 23.84 -4.44
CA LYS A 285 18.05 23.42 -3.90
C LYS A 285 18.20 21.90 -3.80
N TYR A 286 17.35 21.16 -4.50
CA TYR A 286 17.46 19.72 -4.45
C TYR A 286 18.58 19.21 -5.34
N GLY A 287 19.12 18.06 -4.97
CA GLY A 287 20.16 17.44 -5.76
C GLY A 287 20.29 15.99 -5.36
N ALA A 288 20.55 15.12 -6.32
CA ALA A 288 20.76 13.72 -6.03
C ALA A 288 22.24 13.64 -5.67
N VAL A 289 22.61 12.69 -4.81
CA VAL A 289 23.99 12.54 -4.39
C VAL A 289 24.65 11.32 -5.00
N LEU A 290 25.78 11.54 -5.67
CA LEU A 290 26.53 10.46 -6.27
C LEU A 290 27.40 9.93 -5.13
N THR A 291 27.08 8.74 -4.63
CA THR A 291 27.80 8.17 -3.50
C THR A 291 28.97 7.27 -3.86
N SER A 292 29.07 6.91 -5.13
CA SER A 292 30.15 6.04 -5.60
C SER A 292 30.20 6.05 -7.12
N GLY A 293 31.31 5.57 -7.67
CA GLY A 293 31.44 5.55 -9.11
C GLY A 293 31.47 6.93 -9.74
N VAL A 294 30.87 7.05 -10.92
CA VAL A 294 30.83 8.32 -11.64
C VAL A 294 29.48 8.45 -12.31
N ASP A 295 29.16 9.66 -12.76
CA ASP A 295 27.90 9.93 -13.43
C ASP A 295 28.12 10.26 -14.90
N GLU A 296 27.89 9.28 -15.75
CA GLU A 296 28.06 9.42 -17.19
C GLU A 296 26.80 9.99 -17.84
N TYR A 297 25.85 10.46 -17.04
CA TYR A 297 24.60 10.97 -17.60
C TYR A 297 24.32 12.46 -17.45
N GLY A 298 24.42 12.99 -16.24
CA GLY A 298 24.15 14.40 -16.06
C GLY A 298 22.70 14.81 -16.30
N HIS A 299 21.77 13.86 -16.35
CA HIS A 299 20.36 14.21 -16.57
C HIS A 299 19.58 14.46 -15.28
N ASN A 300 20.26 14.40 -14.14
CA ASN A 300 19.62 14.63 -12.85
C ASN A 300 20.21 15.84 -12.14
N ARG A 301 19.44 16.47 -11.26
CA ARG A 301 19.98 17.57 -10.48
C ARG A 301 20.96 16.83 -9.57
N ILE A 302 22.14 17.41 -9.37
CA ILE A 302 23.18 16.77 -8.56
C ILE A 302 23.70 17.70 -7.49
N ALA A 303 23.97 17.14 -6.31
CA ALA A 303 24.50 17.90 -5.19
C ALA A 303 25.84 17.30 -4.82
N ARG A 304 26.91 18.02 -5.13
CA ARG A 304 28.25 17.57 -4.83
C ARG A 304 28.63 18.01 -3.42
N THR A 305 27.96 19.07 -2.95
CA THR A 305 28.23 19.61 -1.63
C THR A 305 26.94 19.86 -0.86
N SER A 306 26.97 19.56 0.44
CA SER A 306 25.80 19.74 1.28
C SER A 306 25.61 21.22 1.56
N GLN A 307 24.41 21.56 2.02
CA GLN A 307 24.06 22.93 2.34
C GLN A 307 24.95 23.48 3.46
N ARG A 308 25.76 22.61 4.05
CA ARG A 308 26.64 23.03 5.13
C ARG A 308 28.11 22.83 4.77
N GLY A 309 28.38 22.67 3.48
CA GLY A 309 29.75 22.50 3.04
C GLY A 309 30.28 21.08 3.15
N TYR A 310 29.42 20.13 3.50
CA TYR A 310 29.90 18.76 3.60
C TYR A 310 30.07 18.28 2.15
N GLU A 311 31.29 17.90 1.81
CA GLU A 311 31.62 17.46 0.47
C GLU A 311 31.34 15.99 0.26
N PHE A 312 30.60 15.67 -0.80
CA PHE A 312 30.27 14.28 -1.12
C PHE A 312 31.28 13.78 -2.15
N VAL A 313 32.25 12.98 -1.70
CA VAL A 313 33.26 12.45 -2.60
C VAL A 313 32.94 11.00 -2.91
N PRO A 314 32.56 10.71 -4.17
CA PRO A 314 32.22 9.35 -4.59
C PRO A 314 33.25 8.31 -4.18
N ARG A 315 32.77 7.23 -3.57
CA ARG A 315 33.63 6.14 -3.13
C ARG A 315 33.97 5.22 -4.30
N GLN A 316 35.17 4.66 -4.29
CA GLN A 316 35.61 3.75 -5.34
C GLN A 316 36.22 2.52 -4.69
N ILE A 317 35.90 1.34 -5.21
CA ILE A 317 36.45 0.09 -4.69
C ILE A 317 37.13 -0.71 -5.82
N ALA B 8 -34.11 -6.51 -17.08
CA ALA B 8 -33.17 -6.40 -15.92
C ALA B 8 -31.76 -6.78 -16.35
N ASN B 9 -30.97 -5.79 -16.76
CA ASN B 9 -29.59 -6.06 -17.19
C ASN B 9 -28.67 -4.85 -16.96
N PHE B 10 -27.60 -5.08 -16.20
CA PHE B 10 -26.64 -4.02 -15.89
C PHE B 10 -25.24 -4.34 -16.38
N THR B 11 -25.16 -5.25 -17.35
CA THR B 11 -23.90 -5.65 -17.96
C THR B 11 -23.15 -4.43 -18.51
N PHE B 12 -21.82 -4.51 -18.51
CA PHE B 12 -21.00 -3.41 -19.01
C PHE B 12 -20.95 -3.38 -20.54
N SER B 13 -20.87 -2.19 -21.12
CA SER B 13 -20.79 -2.04 -22.55
C SER B 13 -19.36 -2.42 -22.91
N PRO B 14 -19.12 -2.86 -24.16
CA PRO B 14 -17.77 -3.24 -24.57
C PRO B 14 -16.75 -2.13 -24.33
N GLU B 15 -17.22 -0.89 -24.39
CA GLU B 15 -16.36 0.26 -24.16
C GLU B 15 -16.05 0.42 -22.69
N GLU B 16 -17.06 0.22 -21.84
CA GLU B 16 -16.88 0.34 -20.40
C GLU B 16 -15.87 -0.69 -19.92
N VAL B 17 -15.95 -1.89 -20.50
CA VAL B 17 -15.04 -2.97 -20.13
C VAL B 17 -13.61 -2.59 -20.53
N ALA B 18 -13.47 -1.99 -21.70
CA ALA B 18 -12.16 -1.58 -22.19
C ALA B 18 -11.59 -0.52 -21.25
N ARG B 19 -12.47 0.34 -20.76
CA ARG B 19 -12.08 1.39 -19.83
C ARG B 19 -11.55 0.80 -18.53
N PHE B 20 -12.26 -0.22 -18.05
CA PHE B 20 -11.85 -0.89 -16.82
C PHE B 20 -10.49 -1.53 -16.99
N GLU B 21 -10.31 -2.25 -18.10
CA GLU B 21 -9.06 -2.93 -18.39
C GLU B 21 -7.92 -1.93 -18.56
N ARG B 22 -8.26 -0.70 -18.93
CA ARG B 22 -7.26 0.35 -19.09
C ARG B 22 -6.77 0.85 -17.73
N ASP B 23 -7.72 1.28 -16.89
CA ASP B 23 -7.40 1.83 -15.58
C ASP B 23 -7.38 0.87 -14.40
N GLY B 24 -8.08 -0.26 -14.52
CA GLY B 24 -8.12 -1.22 -13.44
C GLY B 24 -9.21 -0.87 -12.44
N TYR B 25 -10.07 0.07 -12.83
CA TYR B 25 -11.17 0.50 -11.99
C TYR B 25 -12.17 1.28 -12.84
N ILE B 26 -13.41 1.36 -12.39
CA ILE B 26 -14.42 2.11 -13.11
C ILE B 26 -15.43 2.65 -12.11
N GLY B 27 -15.82 3.91 -12.28
CA GLY B 27 -16.77 4.52 -11.38
C GLY B 27 -16.81 6.01 -11.57
N PRO B 28 -17.82 6.70 -11.01
CA PRO B 28 -18.92 6.12 -10.21
C PRO B 28 -19.88 5.26 -11.03
N VAL B 29 -20.55 4.34 -10.37
CA VAL B 29 -21.56 3.49 -10.99
C VAL B 29 -22.68 3.49 -9.96
N LYS B 30 -23.90 3.75 -10.41
CA LYS B 30 -25.03 3.80 -9.49
C LYS B 30 -25.55 2.43 -9.09
N ILE B 31 -25.50 2.14 -7.79
CA ILE B 31 -26.02 0.89 -7.27
C ILE B 31 -27.40 1.22 -6.70
N PHE B 32 -27.44 2.23 -5.84
CA PHE B 32 -28.70 2.67 -5.23
C PHE B 32 -28.84 4.18 -5.37
N GLU B 33 -30.06 4.66 -5.19
CA GLU B 33 -30.34 6.08 -5.26
C GLU B 33 -29.86 6.61 -3.90
N PRO B 34 -29.47 7.88 -3.83
CA PRO B 34 -29.00 8.46 -2.57
C PRO B 34 -29.96 8.28 -1.38
N GLU B 35 -31.21 8.69 -1.54
CA GLU B 35 -32.20 8.58 -0.47
C GLU B 35 -32.41 7.12 -0.11
N GLU B 36 -32.37 6.25 -1.12
CA GLU B 36 -32.54 4.82 -0.91
C GLU B 36 -31.36 4.24 -0.14
N MET B 37 -30.16 4.68 -0.50
CA MET B 37 -28.94 4.22 0.16
C MET B 37 -28.99 4.61 1.63
N THR B 38 -29.42 5.84 1.90
CA THR B 38 -29.51 6.34 3.27
C THR B 38 -30.51 5.53 4.10
N ARG B 39 -31.63 5.18 3.50
CA ARG B 39 -32.65 4.38 4.17
C ARG B 39 -32.05 3.04 4.55
N ARG B 40 -31.34 2.43 3.60
CA ARG B 40 -30.68 1.15 3.83
C ARG B 40 -29.66 1.21 4.96
N TRP B 41 -28.74 2.18 4.84
CA TRP B 41 -27.69 2.36 5.83
C TRP B 41 -28.27 2.65 7.21
N ASN B 42 -29.37 3.41 7.28
CA ASN B 42 -29.96 3.70 8.58
C ASN B 42 -30.32 2.39 9.30
N ILE B 43 -30.85 1.43 8.54
CA ILE B 43 -31.20 0.14 9.12
C ILE B 43 -29.94 -0.69 9.41
N ILE B 44 -29.11 -0.87 8.39
CA ILE B 44 -27.87 -1.63 8.54
C ILE B 44 -27.00 -1.18 9.72
N ARG B 45 -26.80 0.13 9.84
CA ARG B 45 -25.98 0.68 10.92
C ARG B 45 -26.44 0.14 12.26
N ARG B 46 -27.75 0.13 12.47
CA ARG B 46 -28.31 -0.36 13.72
C ARG B 46 -28.08 -1.86 13.88
N GLN B 47 -28.39 -2.62 12.84
CA GLN B 47 -28.25 -4.07 12.89
C GLN B 47 -26.83 -4.59 13.12
N LEU B 48 -25.83 -3.79 12.74
CA LEU B 48 -24.43 -4.18 12.92
C LEU B 48 -24.15 -4.36 14.41
N LEU B 49 -24.85 -3.61 15.25
CA LEU B 49 -24.66 -3.69 16.71
C LEU B 49 -25.02 -5.05 17.29
N ASP B 50 -25.90 -5.78 16.60
CA ASP B 50 -26.32 -7.09 17.05
C ASP B 50 -25.52 -8.16 16.33
N ARG B 51 -24.63 -8.81 17.08
CA ARG B 51 -23.79 -9.86 16.53
C ARG B 51 -24.26 -11.25 16.92
N SER B 52 -25.40 -11.33 17.61
CA SER B 52 -25.93 -12.61 18.06
C SER B 52 -25.84 -13.70 16.99
N LEU B 53 -25.95 -13.34 15.72
CA LEU B 53 -25.86 -14.32 14.66
C LEU B 53 -24.68 -14.13 13.71
N ALA B 54 -23.73 -13.27 14.10
CA ALA B 54 -22.55 -13.05 13.27
C ALA B 54 -21.70 -14.32 13.28
N ILE B 55 -21.07 -14.64 12.16
CA ILE B 55 -20.27 -15.85 12.08
C ILE B 55 -18.93 -15.81 12.79
N TYR B 56 -18.41 -14.61 13.06
CA TYR B 56 -17.14 -14.49 13.76
C TYR B 56 -17.36 -14.13 15.22
N PRO B 57 -16.83 -14.93 16.15
CA PRO B 57 -16.99 -14.68 17.58
C PRO B 57 -16.40 -13.36 18.00
N ASP B 58 -16.65 -12.97 19.24
CA ASP B 58 -16.12 -11.72 19.75
C ASP B 58 -14.62 -11.83 19.90
N SER B 59 -13.91 -10.81 19.43
CA SER B 59 -12.46 -10.77 19.53
C SER B 59 -11.96 -9.40 19.16
N ASN B 60 -10.65 -9.27 19.08
CA ASN B 60 -10.04 -8.00 18.74
C ASN B 60 -9.46 -8.04 17.33
N GLY B 61 -9.69 -9.15 16.64
CA GLY B 61 -9.19 -9.29 15.28
C GLY B 61 -9.94 -8.33 14.40
N LYS B 62 -9.34 -7.91 13.30
CA LYS B 62 -10.00 -6.98 12.42
C LYS B 62 -11.30 -7.54 11.82
N ALA B 63 -11.36 -8.86 11.65
CA ALA B 63 -12.56 -9.49 11.09
C ALA B 63 -13.78 -9.05 11.88
N ASN B 64 -13.56 -8.75 13.15
CA ASN B 64 -14.63 -8.31 14.04
C ASN B 64 -14.70 -6.78 14.07
N ILE B 65 -13.57 -6.16 14.41
CA ILE B 65 -13.50 -4.71 14.49
C ILE B 65 -13.97 -4.05 13.19
N SER B 66 -13.60 -4.62 12.05
CA SER B 66 -13.98 -4.06 10.76
C SER B 66 -15.24 -4.71 10.20
N ASN B 67 -15.91 -5.50 11.03
CA ASN B 67 -17.14 -6.18 10.63
C ASN B 67 -17.08 -6.90 9.30
N TYR B 68 -16.22 -7.91 9.22
CA TYR B 68 -16.07 -8.72 8.02
C TYR B 68 -17.30 -9.59 7.81
N ASP B 69 -17.62 -9.83 6.56
CA ASP B 69 -18.71 -10.72 6.15
C ASP B 69 -20.05 -10.70 6.89
N ARG B 70 -20.55 -9.52 7.18
CA ARG B 70 -21.83 -9.41 7.86
C ARG B 70 -22.98 -9.66 6.90
N HIS B 71 -22.65 -9.89 5.62
CA HIS B 71 -23.65 -10.19 4.62
C HIS B 71 -24.17 -11.61 4.85
N LEU B 72 -23.53 -12.32 5.77
CA LEU B 72 -23.93 -13.68 6.09
C LEU B 72 -24.93 -13.72 7.22
N ASP B 73 -25.26 -12.58 7.81
CA ASP B 73 -26.25 -12.56 8.87
C ASP B 73 -27.22 -11.39 8.79
N ILE B 74 -26.87 -10.34 8.06
CA ILE B 74 -27.76 -9.18 7.92
C ILE B 74 -28.44 -9.25 6.56
N ASP B 75 -29.78 -9.35 6.55
CA ASP B 75 -30.53 -9.45 5.31
C ASP B 75 -30.21 -8.40 4.24
N LEU B 76 -30.25 -7.12 4.59
CA LEU B 76 -29.95 -6.07 3.59
C LEU B 76 -28.56 -6.25 2.98
N LEU B 77 -27.60 -6.67 3.80
CA LEU B 77 -26.24 -6.91 3.32
C LEU B 77 -26.23 -8.15 2.42
N ALA B 78 -26.98 -9.18 2.81
CA ALA B 78 -27.08 -10.42 2.02
C ALA B 78 -27.62 -10.05 0.64
N GLU B 79 -28.68 -9.25 0.62
CA GLU B 79 -29.30 -8.82 -0.63
C GLU B 79 -28.42 -7.83 -1.39
N HIS B 80 -27.56 -7.10 -0.66
CA HIS B 80 -26.66 -6.13 -1.28
C HIS B 80 -25.65 -6.78 -2.23
N ILE B 81 -24.96 -7.81 -1.74
CA ILE B 81 -23.95 -8.49 -2.53
C ILE B 81 -24.52 -9.29 -3.71
N MET B 82 -25.84 -9.51 -3.68
CA MET B 82 -26.53 -10.25 -4.74
C MET B 82 -27.06 -9.32 -5.84
N ARG B 83 -27.07 -8.01 -5.55
CA ARG B 83 -27.57 -7.02 -6.49
C ARG B 83 -27.14 -7.12 -7.94
N PRO B 84 -28.10 -7.19 -8.87
CA PRO B 84 -27.85 -7.29 -10.31
C PRO B 84 -26.96 -6.14 -10.74
N GLU B 85 -27.21 -4.97 -10.16
CA GLU B 85 -26.43 -3.78 -10.46
C GLU B 85 -24.96 -4.02 -10.17
N ILE B 86 -24.69 -4.99 -9.32
CA ILE B 86 -23.32 -5.32 -8.96
C ILE B 86 -22.88 -6.58 -9.69
N VAL B 87 -23.64 -7.65 -9.50
CA VAL B 87 -23.34 -8.93 -10.13
C VAL B 87 -23.18 -8.83 -11.66
N ASP B 88 -24.09 -8.13 -12.32
CA ASP B 88 -24.01 -7.98 -13.77
C ASP B 88 -22.73 -7.29 -14.19
N ARG B 89 -22.38 -6.20 -13.51
CA ARG B 89 -21.16 -5.46 -13.85
C ARG B 89 -19.90 -6.28 -13.53
N VAL B 90 -19.86 -6.91 -12.36
CA VAL B 90 -18.71 -7.72 -11.98
C VAL B 90 -18.59 -8.89 -12.96
N GLY B 91 -19.73 -9.45 -13.35
CA GLY B 91 -19.73 -10.57 -14.28
C GLY B 91 -19.17 -10.23 -15.65
N SER B 92 -19.38 -8.98 -16.07
CA SER B 92 -18.90 -8.50 -17.37
C SER B 92 -17.38 -8.41 -17.39
N LEU B 93 -16.77 -8.52 -16.22
CA LEU B 93 -15.31 -8.39 -16.12
C LEU B 93 -14.60 -9.70 -15.86
N ILE B 94 -15.14 -10.53 -14.96
CA ILE B 94 -14.48 -11.77 -14.64
C ILE B 94 -15.29 -13.06 -14.82
N GLY B 95 -16.37 -13.00 -15.56
CA GLY B 95 -17.16 -14.20 -15.76
C GLY B 95 -18.52 -14.16 -15.10
N ARG B 96 -19.36 -15.14 -15.43
CA ARG B 96 -20.71 -15.19 -14.88
C ARG B 96 -20.89 -16.16 -13.72
N ASN B 97 -19.86 -16.93 -13.41
CA ASN B 97 -19.93 -17.85 -12.28
C ASN B 97 -19.19 -17.10 -11.17
N LEU B 98 -19.92 -16.22 -10.51
CA LEU B 98 -19.38 -15.35 -9.46
C LEU B 98 -19.59 -15.73 -8.00
N LEU B 99 -18.51 -15.60 -7.23
CA LEU B 99 -18.53 -15.87 -5.82
C LEU B 99 -18.17 -14.59 -5.06
N CYS B 100 -18.96 -14.27 -4.03
CA CYS B 100 -18.64 -13.13 -3.19
C CYS B 100 -18.02 -13.84 -2.00
N TRP B 101 -16.71 -13.70 -1.83
CA TRP B 101 -16.02 -14.38 -0.73
C TRP B 101 -15.81 -13.51 0.50
N ARG B 102 -16.13 -12.23 0.40
CA ARG B 102 -15.97 -11.35 1.54
C ARG B 102 -16.58 -9.96 1.38
N SER B 103 -16.99 -9.38 2.50
CA SER B 103 -17.50 -8.03 2.53
C SER B 103 -16.88 -7.41 3.79
N GLU B 104 -16.70 -6.09 3.80
CA GLU B 104 -16.12 -5.42 4.95
C GLU B 104 -16.46 -3.94 4.91
N PHE B 105 -16.32 -3.29 6.06
CA PHE B 105 -16.62 -1.86 6.14
C PHE B 105 -15.35 -1.02 6.20
N PHE B 106 -15.39 0.11 5.51
CA PHE B 106 -14.27 1.03 5.47
C PHE B 106 -14.70 2.42 5.95
N PRO B 107 -14.74 2.62 7.27
CA PRO B 107 -15.13 3.92 7.84
C PRO B 107 -13.95 4.89 7.81
N LYS B 108 -14.24 6.18 7.69
CA LYS B 108 -13.19 7.18 7.66
C LYS B 108 -13.67 8.34 8.55
N TYR B 109 -12.93 8.64 9.60
CA TYR B 109 -13.31 9.69 10.53
C TYR B 109 -12.32 10.84 10.57
N GLN B 110 -12.79 11.98 11.07
CA GLN B 110 -12.00 13.20 11.19
C GLN B 110 -10.66 12.93 11.86
N GLY B 111 -9.58 13.38 11.23
CA GLY B 111 -8.27 13.18 11.81
C GLY B 111 -7.53 12.02 11.21
N ASP B 112 -8.26 11.09 10.58
CA ASP B 112 -7.60 9.95 9.95
C ASP B 112 -6.76 10.49 8.82
N GLU B 113 -5.54 10.01 8.70
CA GLU B 113 -4.65 10.45 7.64
C GLU B 113 -4.95 9.67 6.37
N GLY B 114 -4.38 10.11 5.26
CA GLY B 114 -4.61 9.37 4.02
C GLY B 114 -3.51 8.34 3.87
N THR B 115 -3.34 7.83 2.65
CA THR B 115 -2.31 6.86 2.35
C THR B 115 -1.66 7.29 1.05
N ASP B 116 -0.40 6.92 0.87
CA ASP B 116 0.37 7.24 -0.31
C ASP B 116 0.01 6.19 -1.36
N TRP B 117 0.37 6.43 -2.63
CA TRP B 117 0.07 5.47 -3.69
C TRP B 117 0.65 4.10 -3.39
N HIS B 118 -0.18 3.06 -3.53
CA HIS B 118 0.27 1.70 -3.26
C HIS B 118 -0.69 0.65 -3.81
N GLN B 119 -0.26 -0.60 -3.74
CA GLN B 119 -1.07 -1.73 -4.22
C GLN B 119 -1.33 -2.71 -3.08
N ALA B 120 -2.60 -2.85 -2.70
CA ALA B 120 -2.99 -3.77 -1.62
C ALA B 120 -2.95 -5.22 -2.11
N ALA B 121 -2.59 -6.12 -1.20
CA ALA B 121 -2.51 -7.55 -1.52
C ALA B 121 -3.62 -8.31 -0.79
N THR B 122 -3.86 -9.55 -1.20
CA THR B 122 -4.91 -10.36 -0.59
C THR B 122 -4.40 -11.35 0.44
N PHE B 123 -3.22 -11.09 0.99
CA PHE B 123 -2.63 -11.96 2.00
C PHE B 123 -3.23 -11.66 3.37
N ALA B 124 -3.38 -12.69 4.19
CA ALA B 124 -3.90 -12.50 5.54
C ALA B 124 -2.79 -11.79 6.28
N HIS B 125 -3.11 -10.76 7.05
CA HIS B 125 -2.08 -10.04 7.76
C HIS B 125 -1.37 -10.90 8.80
N ALA B 126 -2.14 -11.52 9.68
CA ALA B 126 -1.60 -12.36 10.75
C ALA B 126 -0.64 -13.47 10.34
N THR B 127 -0.89 -14.10 9.19
CA THR B 127 -0.04 -15.21 8.77
C THR B 127 0.67 -15.05 7.44
N GLY B 128 0.23 -14.08 6.64
CA GLY B 128 0.87 -13.90 5.34
C GLY B 128 0.37 -14.91 4.33
N LYS B 129 -0.53 -15.79 4.76
CA LYS B 129 -1.07 -16.82 3.87
C LYS B 129 -1.99 -16.18 2.84
N PRO B 130 -1.91 -16.64 1.58
CA PRO B 130 -2.77 -16.08 0.52
C PRO B 130 -4.20 -16.53 0.78
N GLN B 131 -5.14 -15.61 0.63
CA GLN B 131 -6.55 -15.93 0.86
C GLN B 131 -7.21 -16.19 -0.49
N ILE B 132 -6.56 -15.71 -1.55
CA ILE B 132 -7.07 -15.86 -2.91
C ILE B 132 -6.00 -16.43 -3.84
N ILE B 133 -6.32 -17.56 -4.48
CA ILE B 133 -5.39 -18.19 -5.41
C ILE B 133 -6.07 -18.61 -6.69
N TRP B 134 -5.75 -17.95 -7.79
CA TRP B 134 -6.32 -18.30 -9.08
C TRP B 134 -5.54 -19.48 -9.64
N PRO B 135 -6.15 -20.21 -10.60
CA PRO B 135 -5.49 -21.37 -11.22
C PRO B 135 -4.17 -20.96 -11.84
N SER B 136 -3.21 -21.88 -11.90
CA SER B 136 -1.90 -21.58 -12.46
C SER B 136 -1.24 -22.78 -13.15
N ASP B 137 -0.19 -22.52 -13.91
CA ASP B 137 0.56 -23.55 -14.62
C ASP B 137 1.70 -24.09 -13.76
N PRO B 141 3.53 -18.50 -11.33
CA PRO B 141 3.03 -17.68 -10.20
C PRO B 141 1.51 -17.53 -10.33
N ALA B 142 0.80 -17.75 -9.23
CA ALA B 142 -0.65 -17.65 -9.25
C ALA B 142 -1.16 -16.24 -8.98
N PHE B 143 -2.11 -15.79 -9.79
CA PHE B 143 -2.71 -14.47 -9.62
C PHE B 143 -3.45 -14.53 -8.28
N ILE B 144 -3.59 -13.39 -7.63
CA ILE B 144 -4.27 -13.36 -6.33
C ILE B 144 -5.19 -12.16 -6.12
N GLY B 145 -5.63 -11.53 -7.21
CA GLY B 145 -6.51 -10.38 -7.07
C GLY B 145 -7.98 -10.70 -6.95
N THR B 146 -8.77 -9.73 -6.52
CA THR B 146 -10.21 -9.91 -6.39
C THR B 146 -10.92 -8.62 -6.80
N ILE B 147 -12.05 -8.75 -7.48
CA ILE B 147 -12.80 -7.57 -7.90
C ILE B 147 -13.48 -6.99 -6.67
N THR B 148 -13.28 -5.70 -6.46
CA THR B 148 -13.86 -5.03 -5.30
C THR B 148 -14.90 -4.01 -5.70
N VAL B 149 -16.10 -4.15 -5.14
CA VAL B 149 -17.18 -3.20 -5.39
C VAL B 149 -17.28 -2.44 -4.08
N TRP B 150 -16.84 -1.19 -4.13
CA TRP B 150 -16.80 -0.30 -2.98
C TRP B 150 -17.97 0.69 -3.07
N THR B 151 -18.99 0.48 -2.24
CA THR B 151 -20.17 1.34 -2.24
C THR B 151 -20.16 2.37 -1.11
N ALA B 152 -20.53 3.60 -1.44
CA ALA B 152 -20.57 4.66 -0.44
C ALA B 152 -21.89 4.61 0.31
N PHE B 153 -21.84 4.21 1.58
CA PHE B 153 -23.06 4.17 2.40
C PHE B 153 -23.39 5.58 2.85
N THR B 154 -22.37 6.42 2.95
CA THR B 154 -22.56 7.85 3.25
C THR B 154 -21.71 8.49 2.15
N HIS B 155 -21.77 9.80 1.99
CA HIS B 155 -21.00 10.43 0.94
C HIS B 155 -19.49 10.27 1.13
N SER B 156 -18.78 10.12 0.03
CA SER B 156 -17.34 10.01 0.07
C SER B 156 -16.84 11.24 -0.68
N THR B 157 -16.28 12.19 0.06
CA THR B 157 -15.80 13.42 -0.54
C THR B 157 -14.30 13.58 -0.35
N GLU B 158 -13.73 14.62 -0.94
CA GLU B 158 -12.31 14.86 -0.77
C GLU B 158 -12.08 15.25 0.69
N GLN B 159 -13.00 16.04 1.24
CA GLN B 159 -12.89 16.47 2.63
C GLN B 159 -13.02 15.27 3.59
N ASN B 160 -13.79 14.27 3.15
CA ASN B 160 -14.04 13.02 3.89
C ASN B 160 -12.86 12.06 3.89
N GLY B 161 -11.92 12.26 2.97
CA GLY B 161 -10.77 11.37 2.88
C GLY B 161 -11.07 10.28 1.88
N CYS B 162 -11.61 10.65 0.72
CA CYS B 162 -11.98 9.69 -0.31
C CYS B 162 -10.78 9.01 -0.92
N LEU B 163 -11.06 7.87 -1.57
CA LEU B 163 -10.03 7.10 -2.24
C LEU B 163 -9.53 7.89 -3.44
N GLN B 164 -8.34 7.54 -3.90
CA GLN B 164 -7.72 8.14 -5.05
C GLN B 164 -7.32 6.96 -5.92
N LEU B 165 -7.71 7.00 -7.20
CA LEU B 165 -7.40 5.93 -8.13
C LEU B 165 -6.73 6.51 -9.35
N MET B 166 -5.61 5.91 -9.74
CA MET B 166 -4.83 6.39 -10.88
C MET B 166 -5.16 5.72 -12.20
N PRO B 167 -5.42 6.52 -13.25
CA PRO B 167 -5.76 5.96 -14.56
C PRO B 167 -4.56 5.22 -15.13
N GLY B 168 -4.71 4.63 -16.31
CA GLY B 168 -3.61 3.90 -16.91
C GLY B 168 -3.37 2.60 -16.16
N THR B 169 -2.45 1.78 -16.66
CA THR B 169 -2.16 0.50 -16.05
C THR B 169 -0.95 0.50 -15.11
N HIS B 170 -0.49 1.68 -14.72
CA HIS B 170 0.68 1.81 -13.85
C HIS B 170 0.60 1.00 -12.56
N THR B 171 1.71 0.36 -12.21
CA THR B 171 1.80 -0.46 -11.00
C THR B 171 2.88 0.10 -10.08
N SER B 172 3.14 -0.60 -8.98
CA SER B 172 4.17 -0.16 -8.03
C SER B 172 5.55 -0.48 -8.59
N MET B 173 5.57 -1.35 -9.60
CA MET B 173 6.81 -1.76 -10.23
C MET B 173 7.07 -1.06 -11.56
N ASN B 174 6.02 -0.79 -12.32
CA ASN B 174 6.18 -0.15 -13.62
C ASN B 174 5.29 1.05 -13.92
N TYR B 175 5.76 1.89 -14.84
CA TYR B 175 5.04 3.07 -15.28
C TYR B 175 5.04 3.11 -16.80
N ASP B 176 3.86 3.00 -17.40
CA ASP B 176 3.74 3.03 -18.85
C ASP B 176 3.81 4.49 -19.31
N GLU B 177 5.00 4.91 -19.70
CA GLU B 177 5.23 6.28 -20.14
C GLU B 177 4.36 6.71 -21.31
N SER B 178 4.02 5.78 -22.19
CA SER B 178 3.19 6.10 -23.34
C SER B 178 1.75 6.38 -22.92
N LYS B 215 -0.24 25.75 -9.14
CA LYS B 215 -0.07 25.11 -7.80
C LYS B 215 -0.28 23.60 -7.88
N PRO B 216 0.76 22.82 -7.53
CA PRO B 216 0.71 21.35 -7.55
C PRO B 216 -0.11 20.72 -6.41
N ASP B 217 -0.24 21.45 -5.30
CA ASP B 217 -1.01 20.95 -4.15
C ASP B 217 -2.43 21.49 -4.15
N GLU B 218 -2.68 22.54 -4.93
CA GLU B 218 -3.99 23.16 -5.02
C GLU B 218 -5.12 22.15 -5.17
N SER B 219 -4.96 21.20 -6.07
CA SER B 219 -5.98 20.18 -6.29
C SER B 219 -5.44 18.77 -6.07
N GLN B 220 -6.28 17.91 -5.52
CA GLN B 220 -5.89 16.53 -5.24
C GLN B 220 -5.81 15.74 -6.54
N ALA B 221 -5.03 14.66 -6.53
CA ALA B 221 -4.85 13.83 -7.71
C ALA B 221 -5.79 12.64 -7.81
N TYR B 222 -6.61 12.64 -8.86
CA TYR B 222 -7.54 11.55 -9.13
C TYR B 222 -8.48 11.13 -7.99
N PRO B 223 -9.28 12.07 -7.46
CA PRO B 223 -10.21 11.75 -6.37
C PRO B 223 -11.42 10.97 -6.87
N MET B 224 -11.81 9.92 -6.14
CA MET B 224 -12.99 9.15 -6.52
C MET B 224 -14.10 9.50 -5.54
N VAL B 225 -14.76 10.63 -5.78
CA VAL B 225 -15.85 11.08 -4.93
C VAL B 225 -17.11 10.31 -5.32
N LEU B 226 -17.90 9.91 -4.33
CA LEU B 226 -19.11 9.15 -4.59
C LEU B 226 -20.28 9.62 -3.77
N LYS B 227 -21.45 9.73 -4.40
CA LYS B 227 -22.66 10.13 -3.69
C LYS B 227 -23.16 8.86 -2.98
N PRO B 228 -24.00 9.00 -1.94
CA PRO B 228 -24.45 7.77 -1.31
C PRO B 228 -25.18 6.95 -2.38
N GLY B 229 -24.87 5.66 -2.46
CA GLY B 229 -25.52 4.83 -3.46
C GLY B 229 -24.61 4.50 -4.61
N GLU B 230 -23.59 5.33 -4.81
CA GLU B 230 -22.65 5.10 -5.89
C GLU B 230 -21.52 4.21 -5.42
N ALA B 231 -20.88 3.54 -6.37
CA ALA B 231 -19.78 2.67 -6.05
C ALA B 231 -18.69 2.77 -7.10
N VAL B 232 -17.49 2.37 -6.70
CA VAL B 232 -16.38 2.32 -7.63
C VAL B 232 -16.00 0.85 -7.63
N ILE B 233 -15.68 0.32 -8.81
CA ILE B 233 -15.29 -1.08 -8.92
C ILE B 233 -13.83 -1.13 -9.35
N PHE B 234 -13.02 -1.92 -8.65
CA PHE B 234 -11.60 -2.03 -8.96
C PHE B 234 -10.97 -3.33 -8.55
N TRP B 235 -9.87 -3.67 -9.22
CA TRP B 235 -9.13 -4.87 -8.84
C TRP B 235 -8.59 -4.48 -7.46
N SER B 236 -8.63 -5.42 -6.52
CA SER B 236 -8.17 -5.13 -5.18
C SER B 236 -6.73 -4.65 -5.15
N ASN B 237 -5.95 -5.03 -6.16
CA ASN B 237 -4.54 -4.65 -6.21
C ASN B 237 -4.25 -3.42 -7.08
N THR B 238 -5.27 -2.69 -7.49
CA THR B 238 -5.03 -1.53 -8.32
C THR B 238 -4.41 -0.34 -7.57
N MET B 239 -3.45 0.31 -8.21
CA MET B 239 -2.74 1.44 -7.65
C MET B 239 -3.72 2.47 -7.08
N HIS B 240 -3.60 2.80 -5.80
CA HIS B 240 -4.48 3.77 -5.21
C HIS B 240 -3.91 4.45 -3.97
N ALA B 241 -4.53 5.55 -3.60
CA ALA B 241 -4.13 6.32 -2.42
C ALA B 241 -5.44 6.84 -1.81
N SER B 242 -5.32 7.67 -0.79
CA SER B 242 -6.50 8.23 -0.17
C SER B 242 -6.12 9.51 0.54
N LEU B 243 -7.08 10.40 0.69
CA LEU B 243 -6.87 11.69 1.33
C LEU B 243 -7.14 11.63 2.82
N PRO B 244 -6.60 12.61 3.58
CA PRO B 244 -6.83 12.64 5.02
C PRO B 244 -8.23 13.19 5.20
N HIS B 245 -8.85 12.90 6.34
CA HIS B 245 -10.18 13.39 6.62
C HIS B 245 -10.00 14.74 7.31
N THR B 246 -10.32 15.81 6.58
CA THR B 246 -10.17 17.17 7.11
C THR B 246 -11.49 17.89 7.33
N GLY B 247 -12.57 17.15 7.56
CA GLY B 247 -13.86 17.78 7.77
C GLY B 247 -14.29 17.82 9.24
N SER B 248 -15.60 17.87 9.46
CA SER B 248 -16.15 17.91 10.82
C SER B 248 -16.07 16.55 11.51
N LYS B 249 -16.15 16.58 12.83
CA LYS B 249 -16.10 15.35 13.61
C LYS B 249 -17.42 14.57 13.46
N THR B 250 -18.48 15.27 13.04
CA THR B 250 -19.79 14.64 12.84
C THR B 250 -19.96 14.10 11.43
N ASP B 251 -19.00 14.36 10.57
CA ASP B 251 -19.06 13.90 9.19
C ASP B 251 -18.14 12.71 9.01
N TYR B 252 -18.74 11.55 8.80
CA TYR B 252 -17.95 10.35 8.63
C TYR B 252 -18.27 9.76 7.28
N ARG B 253 -17.29 9.07 6.72
CA ARG B 253 -17.45 8.42 5.44
C ARG B 253 -17.57 6.94 5.78
N MET B 254 -18.51 6.25 5.15
CA MET B 254 -18.67 4.84 5.37
C MET B 254 -18.75 4.08 4.06
N GLY B 255 -17.70 3.33 3.75
CA GLY B 255 -17.69 2.54 2.53
C GLY B 255 -17.93 1.07 2.85
N PHE B 256 -18.69 0.40 1.98
CA PHE B 256 -18.94 -1.03 2.16
C PHE B 256 -18.43 -1.74 0.91
N ALA B 257 -17.43 -2.60 1.11
CA ALA B 257 -16.83 -3.32 0.01
C ALA B 257 -17.19 -4.79 -0.03
N ALA B 258 -17.61 -5.25 -1.21
CA ALA B 258 -17.96 -6.66 -1.45
C ALA B 258 -16.90 -7.15 -2.43
N ARG B 259 -16.27 -8.28 -2.13
CA ARG B 259 -15.21 -8.81 -2.99
C ARG B 259 -15.59 -10.10 -3.70
N TYR B 260 -15.38 -10.13 -5.01
CA TYR B 260 -15.73 -11.29 -5.82
C TYR B 260 -14.58 -11.91 -6.60
N VAL B 261 -14.72 -13.20 -6.89
CA VAL B 261 -13.75 -13.97 -7.66
C VAL B 261 -14.52 -15.05 -8.42
N PRO B 262 -14.00 -15.46 -9.59
CA PRO B 262 -14.68 -16.50 -10.38
C PRO B 262 -14.65 -17.81 -9.59
N THR B 263 -15.52 -18.74 -9.96
CA THR B 263 -15.62 -20.04 -9.28
C THR B 263 -14.35 -20.90 -9.28
N GLN B 264 -13.46 -20.69 -10.27
CA GLN B 264 -12.22 -21.47 -10.32
C GLN B 264 -11.26 -21.09 -9.21
N VAL B 265 -11.41 -19.86 -8.70
CA VAL B 265 -10.54 -19.37 -7.64
C VAL B 265 -10.76 -20.12 -6.34
N GLN B 266 -9.67 -20.34 -5.60
CA GLN B 266 -9.75 -21.01 -4.31
C GLN B 266 -9.76 -19.95 -3.22
N VAL B 267 -10.76 -20.00 -2.35
CA VAL B 267 -10.90 -19.07 -1.26
C VAL B 267 -10.40 -19.76 0.01
N TYR B 268 -9.54 -19.07 0.75
CA TYR B 268 -8.97 -19.63 1.97
C TYR B 268 -8.37 -21.03 1.71
N PRO B 269 -7.51 -21.15 0.69
CA PRO B 269 -6.89 -22.43 0.37
C PRO B 269 -6.07 -23.00 1.53
N GLY B 270 -5.83 -24.31 1.50
CA GLY B 270 -5.06 -24.94 2.54
C GLY B 270 -5.86 -25.10 3.82
N THR B 271 -7.08 -24.59 3.80
CA THR B 271 -7.96 -24.68 4.95
C THR B 271 -9.03 -25.74 4.72
N GLU B 272 -9.11 -26.68 5.64
CA GLU B 272 -10.09 -27.76 5.58
C GLU B 272 -10.22 -28.28 7.00
N ASN B 273 -9.07 -28.46 7.63
CA ASN B 273 -9.03 -28.95 9.00
C ASN B 273 -8.94 -27.76 9.93
N LEU B 274 -8.96 -26.56 9.35
CA LEU B 274 -8.87 -25.32 10.12
C LEU B 274 -10.18 -24.62 10.40
N THR B 275 -10.19 -23.85 11.48
CA THR B 275 -11.33 -23.05 11.89
C THR B 275 -10.74 -21.69 12.23
N GLU B 276 -9.70 -21.68 13.06
CA GLU B 276 -9.02 -20.44 13.42
C GLU B 276 -8.04 -20.11 12.30
N TYR B 277 -8.28 -18.99 11.62
CA TYR B 277 -7.44 -18.58 10.51
C TYR B 277 -6.58 -17.35 10.83
N GLY B 278 -6.92 -16.66 11.91
CA GLY B 278 -6.18 -15.47 12.30
C GLY B 278 -6.95 -14.19 11.99
N ASP B 279 -6.58 -13.10 12.65
CA ASP B 279 -7.24 -11.80 12.46
C ASP B 279 -8.72 -11.83 12.85
N GLY B 280 -9.08 -12.79 13.70
CA GLY B 280 -10.46 -12.89 14.16
C GLY B 280 -11.32 -13.76 13.27
N ILE B 281 -10.77 -14.22 12.16
CA ILE B 281 -11.49 -15.07 11.22
C ILE B 281 -11.57 -16.53 11.68
N ASN B 282 -12.78 -17.07 11.71
CA ASN B 282 -13.00 -18.47 12.09
C ASN B 282 -13.87 -19.07 10.97
N LEU B 283 -13.30 -19.99 10.19
CA LEU B 283 -14.02 -20.59 9.07
C LEU B 283 -15.16 -21.56 9.35
N GLU B 284 -15.37 -21.92 10.62
CA GLU B 284 -16.45 -22.84 10.98
C GLU B 284 -17.75 -22.55 10.23
N LYS B 285 -18.28 -21.34 10.40
CA LYS B 285 -19.54 -20.95 9.76
C LYS B 285 -19.34 -20.09 8.52
N TYR B 286 -18.13 -20.10 7.96
CA TYR B 286 -17.86 -19.30 6.77
C TYR B 286 -18.20 -20.03 5.48
N GLY B 287 -18.54 -19.26 4.45
CA GLY B 287 -18.85 -19.83 3.17
C GLY B 287 -18.86 -18.73 2.13
N ALA B 288 -18.41 -19.05 0.93
CA ALA B 288 -18.42 -18.06 -0.13
C ALA B 288 -19.82 -18.13 -0.70
N VAL B 289 -20.29 -17.06 -1.32
CA VAL B 289 -21.63 -17.06 -1.85
C VAL B 289 -21.66 -17.06 -3.37
N LEU B 290 -22.39 -18.02 -3.93
CA LEU B 290 -22.53 -18.11 -5.39
C LEU B 290 -23.60 -17.08 -5.76
N THR B 291 -23.17 -15.94 -6.28
CA THR B 291 -24.10 -14.87 -6.64
C THR B 291 -24.69 -14.99 -8.03
N SER B 292 -24.05 -15.80 -8.88
CA SER B 292 -24.53 -16.00 -10.24
C SER B 292 -23.90 -17.21 -10.92
N GLY B 293 -24.51 -17.66 -12.01
CA GLY B 293 -23.99 -18.81 -12.73
C GLY B 293 -24.09 -20.10 -11.95
N VAL B 294 -23.07 -20.94 -12.07
CA VAL B 294 -23.03 -22.22 -11.40
C VAL B 294 -21.62 -22.54 -10.91
N ASP B 295 -21.52 -23.39 -9.89
CA ASP B 295 -20.22 -23.76 -9.33
C ASP B 295 -19.83 -25.18 -9.75
N GLU B 296 -19.00 -25.29 -10.78
CA GLU B 296 -18.54 -26.59 -11.30
C GLU B 296 -17.31 -27.10 -10.56
N TYR B 297 -16.89 -26.41 -9.50
CA TYR B 297 -15.68 -26.84 -8.82
C TYR B 297 -15.84 -27.40 -7.41
N GLY B 298 -16.70 -26.80 -6.61
CA GLY B 298 -16.88 -27.29 -5.26
C GLY B 298 -15.62 -27.41 -4.41
N HIS B 299 -14.64 -26.54 -4.62
CA HIS B 299 -13.41 -26.59 -3.83
C HIS B 299 -13.31 -25.47 -2.79
N ASN B 300 -14.44 -24.82 -2.50
CA ASN B 300 -14.48 -23.74 -1.51
C ASN B 300 -15.60 -24.00 -0.52
N ARG B 301 -15.50 -23.42 0.66
CA ARG B 301 -16.57 -23.54 1.64
C ARG B 301 -17.66 -22.68 1.01
N ILE B 302 -18.90 -23.15 1.01
CA ILE B 302 -19.97 -22.38 0.39
C ILE B 302 -21.19 -22.14 1.27
N ALA B 303 -21.75 -20.94 1.16
CA ALA B 303 -22.93 -20.54 1.92
C ALA B 303 -24.09 -20.33 0.95
N ARG B 304 -25.16 -21.12 1.11
CA ARG B 304 -26.32 -21.01 0.25
C ARG B 304 -27.42 -20.29 1.02
N THR B 305 -27.28 -20.30 2.34
CA THR B 305 -28.26 -19.66 3.22
C THR B 305 -27.54 -18.88 4.31
N SER B 306 -27.99 -17.65 4.58
CA SER B 306 -27.37 -16.82 5.60
C SER B 306 -27.76 -17.39 6.97
N GLN B 307 -27.14 -16.86 8.02
CA GLN B 307 -27.42 -17.30 9.38
C GLN B 307 -28.83 -16.89 9.81
N ARG B 308 -29.48 -16.05 9.01
CA ARG B 308 -30.82 -15.60 9.36
C ARG B 308 -31.87 -16.21 8.44
N GLY B 309 -31.44 -17.15 7.60
CA GLY B 309 -32.38 -17.80 6.70
C GLY B 309 -32.48 -17.20 5.32
N TYR B 310 -31.68 -16.17 5.03
CA TYR B 310 -31.72 -15.55 3.71
C TYR B 310 -31.09 -16.44 2.65
N GLU B 311 -31.92 -16.89 1.71
CA GLU B 311 -31.50 -17.77 0.63
C GLU B 311 -30.79 -17.07 -0.51
N PHE B 312 -29.60 -17.54 -0.84
CA PHE B 312 -28.81 -16.97 -1.92
C PHE B 312 -29.10 -17.78 -3.17
N VAL B 313 -29.95 -17.25 -4.05
CA VAL B 313 -30.27 -17.95 -5.27
C VAL B 313 -29.50 -17.27 -6.38
N PRO B 314 -28.50 -17.97 -6.94
CA PRO B 314 -27.69 -17.39 -8.00
C PRO B 314 -28.52 -16.80 -9.13
N ARG B 315 -28.10 -15.65 -9.61
CA ARG B 315 -28.77 -14.99 -10.71
C ARG B 315 -28.18 -15.54 -11.99
N GLN B 316 -28.93 -15.42 -13.08
CA GLN B 316 -28.44 -15.88 -14.37
C GLN B 316 -28.28 -14.63 -15.20
N ILE B 317 -27.11 -14.00 -15.05
CA ILE B 317 -26.79 -12.77 -15.75
C ILE B 317 -27.19 -12.86 -17.22
N PRO B 318 -28.09 -11.97 -17.66
CA PRO B 318 -28.57 -11.93 -19.05
C PRO B 318 -27.46 -11.96 -20.09
N SER B 319 -27.66 -12.77 -21.13
CA SER B 319 -26.67 -12.90 -22.19
C SER B 319 -27.02 -11.95 -23.34
#